data_4QRF
#
_entry.id   4QRF
#
_cell.length_a   42.831
_cell.length_b   84.788
_cell.length_c   64.503
_cell.angle_alpha   90.00
_cell.angle_beta   90.00
_cell.angle_gamma   90.00
#
_symmetry.space_group_name_H-M   'P 21 21 2'
#
loop_
_entity.id
_entity.type
_entity.pdbx_description
1 polymer Transthyretin
2 non-polymer '2-phenylethyl (2E)-3-(3,4-dihydroxyphenyl)prop-2-enoate'
3 water water
#
_entity_poly.entity_id   1
_entity_poly.type   'polypeptide(L)'
_entity_poly.pdbx_seq_one_letter_code
;MRGSHHHHHHGSMASHRLLLLCLAGLVFVSEAGPTGTGESKCPLMVKVLDAVRGSPAINVAMHVFRKAADDTWEPFASGK
TSESGELHGLTTEEEFVEGIYKVEIDTKSYWKALGISPFHEHAEVVFTANDSGPRRYTIAALLSPYSYSTTAVVTNPKE
;
_entity_poly.pdbx_strand_id   A,B
#
# COMPACT_ATOMS: atom_id res chain seq x y z
N CYS A 42 -13.13 -8.33 18.33
CA CYS A 42 -12.50 -8.38 17.02
C CYS A 42 -11.67 -7.13 16.79
N PRO A 43 -10.37 -7.24 17.08
CA PRO A 43 -9.43 -6.12 17.03
C PRO A 43 -8.93 -5.78 15.63
N LEU A 44 -9.14 -6.65 14.66
CA LEU A 44 -8.67 -6.37 13.30
C LEU A 44 -9.66 -6.88 12.28
N MET A 45 -10.20 -5.97 11.48
CA MET A 45 -11.14 -6.35 10.42
C MET A 45 -10.75 -5.64 9.13
N VAL A 46 -11.02 -6.28 8.00
CA VAL A 46 -10.67 -5.70 6.70
C VAL A 46 -11.91 -5.76 5.81
N LYS A 47 -12.20 -4.66 5.14
CA LYS A 47 -13.36 -4.56 4.25
C LYS A 47 -12.84 -4.16 2.89
N VAL A 48 -13.28 -4.85 1.85
CA VAL A 48 -12.80 -4.60 0.50
C VAL A 48 -13.96 -4.36 -0.46
N LEU A 49 -13.90 -3.27 -1.22
CA LEU A 49 -14.95 -2.93 -2.16
C LEU A 49 -14.44 -2.86 -3.59
N ASP A 50 -15.34 -3.13 -4.54
CA ASP A 50 -15.01 -3.14 -5.96
C ASP A 50 -15.64 -1.89 -6.58
N ALA A 51 -14.78 -0.99 -7.04
CA ALA A 51 -15.19 0.28 -7.62
C ALA A 51 -15.66 0.18 -9.07
N VAL A 52 -15.43 -0.96 -9.71
CA VAL A 52 -15.85 -1.12 -11.10
C VAL A 52 -17.26 -1.63 -11.10
N ARG A 53 -17.54 -2.60 -10.24
CA ARG A 53 -18.87 -3.20 -10.20
C ARG A 53 -19.79 -2.55 -9.17
N GLY A 54 -19.24 -1.74 -8.27
CA GLY A 54 -20.04 -1.20 -7.17
C GLY A 54 -20.61 -2.29 -6.29
N SER A 55 -19.71 -3.13 -5.78
CA SER A 55 -20.11 -4.27 -4.97
C SER A 55 -19.04 -4.52 -3.94
N PRO A 56 -19.36 -5.31 -2.91
CA PRO A 56 -18.26 -5.82 -2.10
C PRO A 56 -17.33 -6.64 -3.00
N ALA A 57 -16.05 -6.65 -2.69
CA ALA A 57 -15.11 -7.53 -3.38
C ALA A 57 -15.06 -8.84 -2.60
N ILE A 58 -15.58 -9.90 -3.20
CA ILE A 58 -15.81 -11.16 -2.48
C ILE A 58 -14.70 -12.15 -2.78
N ASN A 59 -14.38 -12.98 -1.80
CA ASN A 59 -13.34 -14.01 -1.95
C ASN A 59 -11.97 -13.41 -2.27
N VAL A 60 -11.69 -12.24 -1.73
CA VAL A 60 -10.36 -11.65 -1.85
C VAL A 60 -9.47 -12.21 -0.74
N ALA A 61 -8.39 -12.86 -1.15
CA ALA A 61 -7.44 -13.44 -0.18
C ALA A 61 -6.51 -12.37 0.36
N MET A 62 -6.14 -12.50 1.63
CA MET A 62 -5.11 -11.64 2.17
C MET A 62 -4.33 -12.35 3.27
N HIS A 63 -3.08 -11.96 3.41
CA HIS A 63 -2.20 -12.49 4.42
C HIS A 63 -1.72 -11.35 5.31
N VAL A 64 -1.70 -11.60 6.62
CA VAL A 64 -1.21 -10.64 7.60
C VAL A 64 0.11 -11.14 8.19
N PHE A 65 1.11 -10.25 8.23
CA PHE A 65 2.42 -10.57 8.78
C PHE A 65 2.77 -9.60 9.89
N ARG A 66 3.63 -10.06 10.80
CA ARG A 66 4.09 -9.22 11.90
C ARG A 66 5.61 -9.15 11.85
N LYS A 67 6.15 -7.97 12.06
CA LYS A 67 7.60 -7.81 11.99
C LYS A 67 8.23 -8.44 13.24
N ALA A 68 9.10 -9.43 13.03
CA ALA A 68 9.77 -10.10 14.14
C ALA A 68 10.96 -9.30 14.64
N ALA A 69 11.55 -9.79 15.73
CA ALA A 69 12.68 -9.12 16.39
C ALA A 69 13.86 -8.97 15.46
N ASP A 70 14.00 -9.90 14.52
CA ASP A 70 15.11 -9.91 13.58
C ASP A 70 14.79 -9.15 12.31
N ASP A 71 13.73 -8.34 12.35
CA ASP A 71 13.31 -7.50 11.22
C ASP A 71 12.78 -8.26 10.00
N THR A 72 12.40 -9.53 10.18
CA THR A 72 11.76 -10.28 9.10
C THR A 72 10.24 -10.30 9.30
N TRP A 73 9.48 -10.43 8.20
CA TRP A 73 8.04 -10.59 8.31
C TRP A 73 7.63 -12.01 8.64
N GLU A 74 7.08 -12.23 9.83
CA GLU A 74 6.54 -13.54 10.18
C GLU A 74 5.04 -13.61 9.91
N PRO A 75 4.56 -14.74 9.36
CA PRO A 75 3.12 -14.93 9.13
C PRO A 75 2.33 -14.79 10.43
N PHE A 76 1.21 -14.07 10.38
CA PHE A 76 0.42 -13.80 11.57
C PHE A 76 -0.98 -14.39 11.44
N ALA A 77 -1.61 -14.13 10.30
CA ALA A 77 -2.96 -14.62 10.05
C ALA A 77 -3.30 -14.47 8.57
N SER A 78 -4.32 -15.19 8.10
CA SER A 78 -4.78 -15.00 6.73
C SER A 78 -6.26 -15.38 6.61
N GLY A 79 -6.89 -14.97 5.52
CA GLY A 79 -8.30 -15.26 5.29
C GLY A 79 -8.76 -14.72 3.95
N LYS A 80 -10.06 -14.90 3.67
CA LYS A 80 -10.67 -14.41 2.45
C LYS A 80 -11.92 -13.60 2.80
N THR A 81 -12.23 -12.57 2.03
CA THR A 81 -13.42 -11.79 2.31
C THR A 81 -14.68 -12.60 2.06
N SER A 82 -15.71 -12.29 2.81
CA SER A 82 -17.02 -12.95 2.69
C SER A 82 -17.86 -12.31 1.59
N GLU A 83 -19.12 -12.70 1.52
CA GLU A 83 -20.05 -12.16 0.53
C GLU A 83 -20.33 -10.68 0.77
N SER A 84 -20.01 -10.18 1.96
CA SER A 84 -20.17 -8.76 2.24
C SER A 84 -18.87 -7.99 2.11
N GLY A 85 -17.84 -8.65 1.62
CA GLY A 85 -16.56 -8.02 1.35
C GLY A 85 -15.73 -7.84 2.60
N GLU A 86 -16.14 -8.51 3.67
CA GLU A 86 -15.50 -8.37 4.98
C GLU A 86 -14.73 -9.62 5.41
N LEU A 87 -13.65 -9.40 6.15
CA LEU A 87 -12.90 -10.50 6.74
C LEU A 87 -12.79 -10.26 8.22
N HIS A 88 -13.52 -11.06 9.00
CA HIS A 88 -13.49 -10.97 10.45
C HIS A 88 -12.70 -12.14 11.05
N GLY A 89 -12.35 -12.01 12.33
CA GLY A 89 -11.74 -13.10 13.07
C GLY A 89 -10.31 -13.45 12.74
N LEU A 90 -9.57 -12.52 12.13
CA LEU A 90 -8.17 -12.73 11.84
C LEU A 90 -7.38 -13.00 13.12
N THR A 91 -7.73 -12.32 14.21
CA THR A 91 -6.92 -12.43 15.42
C THR A 91 -7.73 -12.18 16.68
N THR A 92 -7.07 -12.22 17.83
CA THR A 92 -7.74 -11.95 19.10
C THR A 92 -7.00 -10.85 19.84
N GLU A 93 -7.63 -10.30 20.87
CA GLU A 93 -6.97 -9.25 21.65
C GLU A 93 -5.65 -9.71 22.29
N GLU A 94 -5.61 -10.95 22.77
CA GLU A 94 -4.39 -11.50 23.38
C GLU A 94 -3.27 -11.64 22.36
N GLU A 95 -3.60 -12.20 21.20
CA GLU A 95 -2.61 -12.47 20.17
C GLU A 95 -2.10 -11.19 19.51
N PHE A 96 -2.97 -10.20 19.41
CA PHE A 96 -2.68 -8.98 18.66
C PHE A 96 -1.90 -7.98 19.51
N VAL A 97 -0.64 -8.30 19.79
CA VAL A 97 0.23 -7.47 20.63
C VAL A 97 0.76 -6.28 19.85
N GLU A 98 1.46 -5.38 20.54
CA GLU A 98 2.17 -4.26 19.90
C GLU A 98 3.06 -4.80 18.80
N GLY A 99 3.20 -4.06 17.72
CA GLY A 99 4.16 -4.43 16.72
C GLY A 99 3.86 -3.74 15.41
N ILE A 100 4.66 -4.03 14.40
CA ILE A 100 4.40 -3.52 13.08
C ILE A 100 3.79 -4.64 12.26
N TYR A 101 2.66 -4.34 11.64
CA TYR A 101 1.91 -5.36 10.92
C TYR A 101 1.84 -5.01 9.46
N LYS A 102 1.76 -6.04 8.62
CA LYS A 102 1.55 -5.84 7.20
C LYS A 102 0.38 -6.69 6.73
N VAL A 103 -0.59 -6.06 6.09
CA VAL A 103 -1.69 -6.76 5.45
C VAL A 103 -1.46 -6.72 3.96
N GLU A 104 -1.32 -7.90 3.35
CA GLU A 104 -1.08 -7.98 1.92
C GLU A 104 -2.32 -8.54 1.23
N ILE A 105 -3.00 -7.70 0.46
CA ILE A 105 -4.27 -8.08 -0.13
C ILE A 105 -4.08 -8.50 -1.56
N ASP A 106 -4.50 -9.71 -1.91
CA ASP A 106 -4.24 -10.23 -3.25
C ASP A 106 -5.23 -9.70 -4.28
N THR A 107 -5.06 -8.42 -4.62
CA THR A 107 -5.94 -7.77 -5.58
C THR A 107 -5.74 -8.33 -6.98
N LYS A 108 -4.52 -8.77 -7.29
CA LYS A 108 -4.26 -9.27 -8.64
C LYS A 108 -5.12 -10.50 -8.98
N SER A 109 -5.13 -11.51 -8.11
CA SER A 109 -5.94 -12.71 -8.37
C SER A 109 -7.42 -12.35 -8.46
N TYR A 110 -7.85 -11.39 -7.65
CA TYR A 110 -9.23 -10.94 -7.71
C TYR A 110 -9.58 -10.40 -9.11
N TRP A 111 -8.76 -9.48 -9.61
CA TRP A 111 -9.02 -8.87 -10.92
C TRP A 111 -8.92 -9.89 -12.05
N LYS A 112 -7.92 -10.77 -11.96
CA LYS A 112 -7.70 -11.81 -12.97
C LYS A 112 -8.87 -12.77 -13.08
N ALA A 113 -9.41 -13.19 -11.94
CA ALA A 113 -10.60 -14.04 -11.92
C ALA A 113 -11.80 -13.37 -12.58
N LEU A 114 -11.72 -12.05 -12.79
CA LEU A 114 -12.79 -11.32 -13.47
C LEU A 114 -12.44 -10.93 -14.91
N GLY A 115 -11.28 -11.38 -15.37
CA GLY A 115 -10.87 -11.18 -16.76
C GLY A 115 -10.13 -9.89 -17.00
N ILE A 116 -9.77 -9.21 -15.91
CA ILE A 116 -9.07 -7.95 -16.00
C ILE A 116 -7.59 -8.15 -15.64
N SER A 117 -6.69 -7.53 -16.39
CA SER A 117 -5.29 -7.51 -16.03
C SER A 117 -4.98 -6.23 -15.27
N PRO A 118 -4.83 -6.32 -13.94
CA PRO A 118 -4.68 -5.10 -13.15
C PRO A 118 -3.24 -4.61 -13.18
N PHE A 119 -3.04 -3.39 -12.69
CA PHE A 119 -1.71 -2.82 -12.56
C PHE A 119 -0.92 -3.39 -11.38
N HIS A 120 -1.55 -3.43 -10.22
CA HIS A 120 -0.84 -3.75 -8.99
C HIS A 120 -0.74 -5.25 -8.74
N GLU A 121 0.38 -5.69 -8.17
CA GLU A 121 0.53 -7.07 -7.74
C GLU A 121 -0.40 -7.36 -6.56
N HIS A 122 -0.53 -6.37 -5.70
CA HIS A 122 -1.32 -6.52 -4.49
C HIS A 122 -1.44 -5.15 -3.86
N ALA A 123 -2.28 -5.05 -2.84
CA ALA A 123 -2.33 -3.81 -2.07
C ALA A 123 -1.87 -4.10 -0.65
N GLU A 124 -0.86 -3.36 -0.19
CA GLU A 124 -0.33 -3.53 1.16
C GLU A 124 -0.79 -2.43 2.10
N VAL A 125 -0.89 -2.76 3.38
CA VAL A 125 -1.11 -1.76 4.42
C VAL A 125 -0.13 -2.12 5.52
N VAL A 126 0.77 -1.21 5.85
CA VAL A 126 1.76 -1.48 6.89
C VAL A 126 1.64 -0.41 7.96
N PHE A 127 1.48 -0.83 9.21
CA PHE A 127 1.21 0.11 10.27
C PHE A 127 1.67 -0.42 11.61
N THR A 128 2.02 0.49 12.51
CA THR A 128 2.26 0.11 13.89
C THR A 128 0.93 0.05 14.61
N ALA A 129 0.72 -1.05 15.34
CA ALA A 129 -0.51 -1.27 16.04
C ALA A 129 -0.29 -1.36 17.55
N ASN A 130 -1.25 -0.86 18.30
CA ASN A 130 -1.31 -1.01 19.76
C ASN A 130 -0.17 -0.41 20.59
N ASP A 131 0.60 0.52 20.05
CA ASP A 131 1.74 1.01 20.83
C ASP A 131 1.38 2.02 21.94
N SER A 132 0.11 2.41 22.01
CA SER A 132 -0.40 3.22 23.12
C SER A 132 -1.52 2.48 23.86
N GLY A 133 -1.52 1.16 23.75
CA GLY A 133 -2.57 0.33 24.33
C GLY A 133 -3.40 -0.29 23.23
N PRO A 134 -4.24 -1.26 23.58
CA PRO A 134 -5.07 -1.93 22.57
C PRO A 134 -6.03 -1.00 21.84
N ARG A 135 -6.07 -1.13 20.52
CA ARG A 135 -7.08 -0.43 19.72
C ARG A 135 -7.80 -1.46 18.85
N ARG A 136 -8.91 -1.06 18.25
CA ARG A 136 -9.58 -1.86 17.24
C ARG A 136 -9.34 -1.21 15.88
N TYR A 137 -8.95 -2.00 14.88
CA TYR A 137 -8.57 -1.49 13.58
C TYR A 137 -9.48 -2.04 12.51
N THR A 138 -10.08 -1.14 11.72
CA THR A 138 -10.76 -1.55 10.52
C THR A 138 -9.99 -0.99 9.34
N ILE A 139 -9.56 -1.87 8.45
CA ILE A 139 -8.82 -1.46 7.27
C ILE A 139 -9.80 -1.55 6.11
N ALA A 140 -10.03 -0.45 5.39
CA ALA A 140 -10.93 -0.48 4.26
C ALA A 140 -10.11 -0.28 2.98
N ALA A 141 -10.35 -1.12 1.98
CA ALA A 141 -9.69 -0.98 0.68
C ALA A 141 -10.72 -0.87 -0.44
N LEU A 142 -10.51 0.09 -1.34
CA LEU A 142 -11.38 0.28 -2.51
C LEU A 142 -10.56 -0.02 -3.76
N LEU A 143 -11.04 -0.93 -4.61
CA LEU A 143 -10.22 -1.43 -5.70
C LEU A 143 -10.72 -1.05 -7.08
N SER A 144 -9.78 -0.56 -7.91
CA SER A 144 -9.96 -0.43 -9.35
C SER A 144 -8.77 -1.13 -10.02
N PRO A 145 -8.89 -1.48 -11.31
CA PRO A 145 -7.78 -2.15 -11.98
C PRO A 145 -6.46 -1.38 -11.95
N TYR A 146 -6.49 -0.06 -12.07
CA TYR A 146 -5.23 0.69 -12.02
C TYR A 146 -5.11 1.60 -10.81
N SER A 147 -5.90 1.34 -9.78
CA SER A 147 -5.89 2.23 -8.63
C SER A 147 -6.43 1.51 -7.39
N TYR A 148 -5.91 1.89 -6.22
CA TYR A 148 -6.58 1.48 -4.99
C TYR A 148 -6.41 2.52 -3.92
N SER A 149 -7.33 2.52 -2.96
N SER A 149 -7.34 2.50 -2.97
CA SER A 149 -7.21 3.41 -1.83
CA SER A 149 -7.25 3.38 -1.83
C SER A 149 -7.43 2.62 -0.56
C SER A 149 -7.32 2.51 -0.59
N THR A 150 -6.74 2.99 0.50
CA THR A 150 -6.90 2.32 1.76
C THR A 150 -7.07 3.34 2.86
N THR A 151 -7.94 3.07 3.80
CA THR A 151 -8.09 3.95 4.94
C THR A 151 -8.22 3.10 6.19
N ALA A 152 -7.89 3.68 7.34
CA ALA A 152 -8.00 2.93 8.57
C ALA A 152 -8.90 3.68 9.51
N VAL A 153 -9.74 2.93 10.21
CA VAL A 153 -10.57 3.47 11.28
C VAL A 153 -10.08 2.81 12.56
N VAL A 154 -9.61 3.64 13.48
CA VAL A 154 -9.02 3.15 14.70
C VAL A 154 -9.87 3.62 15.87
N THR A 155 -10.33 2.68 16.69
CA THR A 155 -11.18 3.01 17.83
C THR A 155 -10.67 2.40 19.14
N ASN A 156 -11.08 2.97 20.26
CA ASN A 156 -10.63 2.48 21.56
C ASN A 156 -11.59 1.46 22.19
N CYS B 42 11.84 9.49 -19.88
CA CYS B 42 11.46 9.23 -18.49
C CYS B 42 10.42 8.12 -18.45
N PRO B 43 10.86 6.87 -18.31
CA PRO B 43 9.89 5.79 -18.31
C PRO B 43 9.12 5.62 -16.99
N LEU B 44 9.62 6.20 -15.91
CA LEU B 44 8.98 6.08 -14.60
C LEU B 44 9.01 7.39 -13.83
N MET B 45 7.84 7.92 -13.48
CA MET B 45 7.78 9.13 -12.67
C MET B 45 6.77 8.95 -11.53
N VAL B 46 7.01 9.60 -10.40
CA VAL B 46 6.08 9.48 -9.28
C VAL B 46 5.61 10.87 -8.89
N LYS B 47 4.31 10.99 -8.62
CA LYS B 47 3.77 12.28 -8.21
C LYS B 47 3.06 12.09 -6.89
N VAL B 48 3.35 12.94 -5.91
CA VAL B 48 2.74 12.80 -4.59
C VAL B 48 2.03 14.08 -4.19
N LEU B 49 0.79 13.93 -3.69
CA LEU B 49 -0.05 15.06 -3.32
C LEU B 49 -0.47 14.92 -1.85
N ASP B 50 -0.70 16.07 -1.21
CA ASP B 50 -1.06 16.15 0.21
C ASP B 50 -2.52 16.58 0.29
N ALA B 51 -3.38 15.67 0.74
CA ALA B 51 -4.81 15.91 0.85
C ALA B 51 -5.23 16.73 2.08
N VAL B 52 -4.31 16.98 3.00
CA VAL B 52 -4.62 17.76 4.19
C VAL B 52 -4.42 19.25 3.93
N ARG B 53 -3.28 19.57 3.31
CA ARG B 53 -2.93 20.95 3.00
C ARG B 53 -3.24 21.39 1.56
N GLY B 54 -3.68 20.45 0.72
CA GLY B 54 -4.05 20.80 -0.65
C GLY B 54 -2.85 21.30 -1.46
N SER B 55 -1.77 20.53 -1.40
CA SER B 55 -0.55 20.95 -2.05
C SER B 55 0.23 19.74 -2.57
N PRO B 56 1.25 20.00 -3.41
CA PRO B 56 2.17 18.88 -3.65
C PRO B 56 2.81 18.43 -2.34
N ALA B 57 3.16 17.15 -2.22
CA ALA B 57 3.91 16.70 -1.06
C ALA B 57 5.39 16.79 -1.41
N ILE B 58 6.09 17.72 -0.77
CA ILE B 58 7.45 18.07 -1.15
C ILE B 58 8.45 17.36 -0.23
N ASN B 59 9.62 17.02 -0.79
CA ASN B 59 10.66 16.38 -0.02
C ASN B 59 10.22 15.02 0.55
N VAL B 60 9.34 14.34 -0.18
CA VAL B 60 8.98 12.98 0.19
C VAL B 60 9.99 12.00 -0.40
N ALA B 61 10.65 11.26 0.47
CA ALA B 61 11.64 10.27 0.07
C ALA B 61 10.99 8.97 -0.33
N MET B 62 11.55 8.33 -1.34
CA MET B 62 11.09 7.01 -1.72
C MET B 62 12.23 6.21 -2.33
N HIS B 63 12.15 4.89 -2.18
CA HIS B 63 13.07 3.97 -2.84
C HIS B 63 12.31 3.07 -3.80
N VAL B 64 12.95 2.72 -4.91
CA VAL B 64 12.38 1.78 -5.87
C VAL B 64 13.19 0.50 -5.84
N PHE B 65 12.50 -0.63 -5.82
CA PHE B 65 13.16 -1.91 -5.76
C PHE B 65 12.71 -2.75 -6.95
N ARG B 66 13.59 -3.63 -7.41
CA ARG B 66 13.23 -4.63 -8.41
C ARG B 66 13.33 -6.04 -7.81
N LYS B 67 12.35 -6.89 -8.07
CA LYS B 67 12.37 -8.22 -7.45
C LYS B 67 13.43 -9.09 -8.13
N ALA B 68 14.29 -9.70 -7.33
CA ALA B 68 15.36 -10.57 -7.85
C ALA B 68 14.92 -12.03 -7.91
N ALA B 69 15.74 -12.86 -8.56
CA ALA B 69 15.41 -14.27 -8.79
C ALA B 69 15.14 -15.06 -7.51
N ASP B 70 15.84 -14.71 -6.44
CA ASP B 70 15.63 -15.36 -5.15
C ASP B 70 14.46 -14.74 -4.39
N ASP B 71 13.66 -13.94 -5.10
CA ASP B 71 12.48 -13.28 -4.55
C ASP B 71 12.74 -12.31 -3.40
N THR B 72 13.86 -11.61 -3.46
CA THR B 72 14.13 -10.51 -2.54
C THR B 72 14.12 -9.19 -3.31
N TRP B 73 14.03 -8.09 -2.57
CA TRP B 73 13.94 -6.78 -3.18
C TRP B 73 15.29 -6.10 -3.28
N GLU B 74 15.79 -5.95 -4.50
CA GLU B 74 17.04 -5.25 -4.75
C GLU B 74 16.77 -3.77 -5.02
N PRO B 75 17.47 -2.88 -4.30
CA PRO B 75 17.40 -1.45 -4.59
C PRO B 75 17.66 -1.20 -6.06
N PHE B 76 16.94 -0.24 -6.64
CA PHE B 76 16.98 0.01 -8.07
C PHE B 76 17.19 1.50 -8.34
N ALA B 77 16.45 2.34 -7.60
CA ALA B 77 16.51 3.78 -7.75
C ALA B 77 15.88 4.45 -6.53
N SER B 78 16.15 5.75 -6.35
CA SER B 78 15.51 6.47 -5.24
C SER B 78 15.63 7.98 -5.44
N GLY B 79 14.93 8.73 -4.61
CA GLY B 79 14.97 10.17 -4.68
C GLY B 79 13.96 10.80 -3.74
N LYS B 80 13.82 12.12 -3.85
CA LYS B 80 12.83 12.90 -3.08
C LYS B 80 11.98 13.68 -4.04
N THR B 81 10.69 13.86 -3.73
CA THR B 81 9.84 14.68 -4.58
C THR B 81 10.31 16.14 -4.56
N SER B 82 10.15 16.82 -5.69
CA SER B 82 10.50 18.23 -5.83
C SER B 82 9.44 19.12 -5.19
N GLU B 83 9.54 20.43 -5.42
CA GLU B 83 8.56 21.39 -4.95
C GLU B 83 7.22 21.22 -5.64
N SER B 84 7.21 20.54 -6.78
CA SER B 84 5.97 20.28 -7.48
C SER B 84 5.42 18.90 -7.09
N GLY B 85 6.06 18.29 -6.10
CA GLY B 85 5.68 16.97 -5.61
C GLY B 85 6.00 15.84 -6.58
N GLU B 86 6.86 16.11 -7.56
CA GLU B 86 7.19 15.12 -8.58
C GLU B 86 8.61 14.60 -8.43
N LEU B 87 8.83 13.35 -8.81
CA LEU B 87 10.17 12.78 -8.80
C LEU B 87 10.43 12.15 -10.16
N HIS B 88 11.39 12.72 -10.87
CA HIS B 88 11.69 12.38 -12.27
C HIS B 88 13.07 11.73 -12.36
N GLY B 89 13.37 11.12 -13.51
CA GLY B 89 14.70 10.60 -13.75
C GLY B 89 15.12 9.45 -12.85
N LEU B 90 14.15 8.63 -12.43
CA LEU B 90 14.47 7.49 -11.60
C LEU B 90 15.25 6.44 -12.39
N THR B 91 14.95 6.33 -13.68
CA THR B 91 15.57 5.31 -14.51
C THR B 91 15.59 5.71 -15.98
N THR B 92 16.18 4.85 -16.80
CA THR B 92 16.21 5.06 -18.26
C THR B 92 15.50 3.91 -18.96
N GLU B 93 15.19 4.11 -20.24
CA GLU B 93 14.54 3.07 -21.03
C GLU B 93 15.35 1.77 -21.05
N GLU B 94 16.65 1.87 -21.35
CA GLU B 94 17.52 0.71 -21.40
C GLU B 94 17.48 -0.09 -20.10
N GLU B 95 17.48 0.64 -18.99
CA GLU B 95 17.62 0.05 -17.66
C GLU B 95 16.30 -0.51 -17.12
N PHE B 96 15.21 0.04 -17.60
CA PHE B 96 13.88 -0.29 -17.08
C PHE B 96 13.27 -1.47 -17.84
N VAL B 97 13.70 -2.66 -17.46
CA VAL B 97 13.29 -3.88 -18.12
C VAL B 97 12.09 -4.49 -17.40
N GLU B 98 11.43 -5.44 -18.06
CA GLU B 98 10.31 -6.15 -17.45
C GLU B 98 10.70 -6.75 -16.11
N GLY B 99 9.77 -6.70 -15.17
CA GLY B 99 10.03 -7.20 -13.83
C GLY B 99 8.98 -6.71 -12.86
N ILE B 100 9.12 -7.11 -11.60
CA ILE B 100 8.21 -6.65 -10.57
C ILE B 100 8.93 -5.57 -9.79
N TYR B 101 8.34 -4.39 -9.75
CA TYR B 101 8.93 -3.26 -9.08
C TYR B 101 8.13 -2.87 -7.88
N LYS B 102 8.81 -2.37 -6.86
CA LYS B 102 8.18 -1.87 -5.67
C LYS B 102 8.62 -0.43 -5.46
N VAL B 103 7.65 0.47 -5.28
CA VAL B 103 7.96 1.83 -4.88
C VAL B 103 7.55 2.02 -3.43
N GLU B 104 8.53 2.20 -2.56
CA GLU B 104 8.24 2.39 -1.15
C GLU B 104 8.41 3.86 -0.76
N ILE B 105 7.28 4.51 -0.51
CA ILE B 105 7.23 5.94 -0.27
C ILE B 105 7.21 6.21 1.24
N ASP B 106 8.14 7.00 1.76
CA ASP B 106 8.22 7.24 3.20
C ASP B 106 7.21 8.28 3.68
N THR B 107 5.95 7.91 3.69
CA THR B 107 4.89 8.84 4.05
C THR B 107 4.98 9.17 5.53
N LYS B 108 5.47 8.22 6.32
CA LYS B 108 5.55 8.43 7.75
C LYS B 108 6.44 9.62 8.12
N SER B 109 7.64 9.69 7.51
CA SER B 109 8.53 10.83 7.79
C SER B 109 7.94 12.15 7.32
N TYR B 110 7.16 12.11 6.25
CA TYR B 110 6.52 13.30 5.73
C TYR B 110 5.52 13.86 6.74
N TRP B 111 4.65 13.00 7.25
CA TRP B 111 3.66 13.46 8.23
C TRP B 111 4.34 13.92 9.51
N LYS B 112 5.40 13.23 9.89
CA LYS B 112 6.11 13.56 11.13
C LYS B 112 6.71 14.96 11.05
N ALA B 113 7.25 15.31 9.88
CA ALA B 113 7.85 16.63 9.69
C ALA B 113 6.81 17.74 9.73
N LEU B 114 5.55 17.39 9.48
CA LEU B 114 4.47 18.36 9.56
C LEU B 114 3.82 18.38 10.94
N GLY B 115 4.21 17.46 11.82
CA GLY B 115 3.66 17.42 13.16
C GLY B 115 2.34 16.67 13.30
N ILE B 116 2.10 15.72 12.40
CA ILE B 116 0.82 15.00 12.36
C ILE B 116 1.03 13.51 12.44
N SER B 117 0.34 12.82 13.36
CA SER B 117 0.55 11.38 13.51
C SER B 117 -0.15 10.59 12.42
N PRO B 118 0.63 9.83 11.64
CA PRO B 118 0.09 9.07 10.53
C PRO B 118 -0.21 7.65 10.96
N PHE B 119 -1.03 6.96 10.17
CA PHE B 119 -1.36 5.57 10.44
C PHE B 119 -0.31 4.62 9.87
N HIS B 120 0.04 4.83 8.60
CA HIS B 120 0.88 3.91 7.86
C HIS B 120 2.37 4.11 8.11
N GLU B 121 3.13 3.02 8.08
CA GLU B 121 4.59 3.10 8.18
C GLU B 121 5.14 3.72 6.90
N HIS B 122 4.50 3.40 5.78
CA HIS B 122 4.87 3.91 4.47
C HIS B 122 3.79 3.51 3.50
N ALA B 123 3.95 3.90 2.25
CA ALA B 123 3.03 3.49 1.21
C ALA B 123 3.80 2.77 0.10
N GLU B 124 3.40 1.54 -0.18
CA GLU B 124 4.07 0.74 -1.18
C GLU B 124 3.24 0.68 -2.46
N VAL B 125 3.90 0.62 -3.60
CA VAL B 125 3.21 0.37 -4.85
C VAL B 125 3.99 -0.73 -5.54
N VAL B 126 3.36 -1.88 -5.71
CA VAL B 126 4.05 -3.02 -6.30
C VAL B 126 3.36 -3.42 -7.59
N PHE B 127 4.13 -3.52 -8.66
CA PHE B 127 3.54 -3.73 -9.97
C PHE B 127 4.51 -4.40 -10.93
N THR B 128 3.96 -5.04 -11.95
CA THR B 128 4.73 -5.64 -13.03
C THR B 128 4.84 -4.65 -14.17
N ALA B 129 6.06 -4.32 -14.57
CA ALA B 129 6.24 -3.37 -15.66
C ALA B 129 6.51 -4.10 -16.96
N ARG B 136 5.16 4.05 -20.72
CA ARG B 136 5.64 5.05 -19.77
C ARG B 136 4.73 5.07 -18.54
N TYR B 137 5.33 5.07 -17.35
CA TYR B 137 4.56 4.96 -16.12
C TYR B 137 4.61 6.21 -15.26
N THR B 138 3.44 6.68 -14.86
CA THR B 138 3.33 7.67 -13.83
C THR B 138 2.55 7.08 -12.66
N ILE B 139 3.18 7.06 -11.49
CA ILE B 139 2.50 6.59 -10.28
C ILE B 139 2.11 7.82 -9.50
N ALA B 140 0.82 7.96 -9.18
CA ALA B 140 0.42 9.09 -8.35
C ALA B 140 -0.08 8.59 -7.02
N ALA B 141 0.29 9.29 -5.96
CA ALA B 141 -0.15 8.92 -4.62
C ALA B 141 -0.75 10.15 -3.96
N LEU B 142 -1.91 9.99 -3.35
CA LEU B 142 -2.56 11.06 -2.63
C LEU B 142 -2.56 10.68 -1.16
N LEU B 143 -1.99 11.54 -0.32
CA LEU B 143 -1.73 11.19 1.05
C LEU B 143 -2.61 11.92 2.06
N SER B 144 -3.17 11.15 3.01
CA SER B 144 -3.82 11.67 4.21
C SER B 144 -3.24 10.92 5.39
N PRO B 145 -3.41 11.41 6.63
CA PRO B 145 -2.75 10.74 7.74
C PRO B 145 -3.19 9.28 7.94
N TYR B 146 -4.47 9.01 7.70
CA TYR B 146 -5.01 7.67 7.91
C TYR B 146 -5.47 6.98 6.64
N SER B 147 -5.04 7.53 5.51
CA SER B 147 -5.48 7.02 4.23
C SER B 147 -4.49 7.37 3.15
N TYR B 148 -4.36 6.49 2.16
CA TYR B 148 -3.72 6.88 0.91
C TYR B 148 -4.33 6.19 -0.28
N SER B 149 -4.24 6.85 -1.43
N SER B 149 -4.27 6.85 -1.43
CA SER B 149 -4.70 6.29 -2.69
CA SER B 149 -4.67 6.22 -2.67
C SER B 149 -3.52 6.34 -3.67
C SER B 149 -3.53 6.34 -3.66
N THR B 150 -3.49 5.40 -4.58
CA THR B 150 -2.45 5.40 -5.59
C THR B 150 -3.04 4.96 -6.90
N THR B 151 -2.61 5.57 -8.00
CA THR B 151 -3.15 5.21 -9.28
C THR B 151 -2.00 5.22 -10.25
N ALA B 152 -2.13 4.45 -11.32
CA ALA B 152 -1.11 4.43 -12.34
C ALA B 152 -1.70 4.99 -13.62
N VAL B 153 -0.90 5.80 -14.31
CA VAL B 153 -1.28 6.32 -15.60
C VAL B 153 -0.26 5.73 -16.57
N VAL B 154 -0.71 4.80 -17.39
CA VAL B 154 0.18 4.06 -18.28
C VAL B 154 -0.11 4.46 -19.73
N THR B 155 0.84 5.18 -20.33
CA THR B 155 0.66 5.75 -21.65
C THR B 155 1.65 5.23 -22.69
N ASN B 156 1.45 5.61 -23.95
CA ASN B 156 2.27 5.15 -25.04
C ASN B 156 3.66 5.79 -25.08
#